data_8ZHA
#
_entry.id   8ZHA
#
_cell.length_a   72.740
_cell.length_b   72.740
_cell.length_c   66.450
_cell.angle_alpha   90.000
_cell.angle_beta   90.000
_cell.angle_gamma   120.000
#
_symmetry.space_group_name_H-M   'P 31 2 1'
#
loop_
_entity.id
_entity.type
_entity.pdbx_description
1 polymer Integrase
2 non-polymer 'TETRAETHYLENE GLYCOL'
3 non-polymer "(2~{S})-2-[7-(cycloheptylcarbamoyl)-4',5-dimethyl-spiro[1,2-dihydroindene-3,1'-cyclohexane]-4-yl]-2-[(2-methylpropan-2-yl)oxy]ethanoic acid"
4 non-polymer 'SULFATE ION'
5 water water
#
_entity_poly.entity_id   1
_entity_poly.type   'polypeptide(L)'
_entity_poly.pdbx_seq_one_letter_code
;GSHMHGQVD(CAF)SPGIWQLD(CAF)THLEGKVILVAVHVASGYIEAEVIPAETGQETAYFLLKLAGRWPVKTVHTDNG
SNFTSTTVKAA(CAF)WWAGIKQEFGIPYNPQSQGVIESMNKELKKIIGQVRDQAEHLKTAVQMAVFIHNHKRKGGIGGY
SAGERIVDIIATDIQTKE
;
_entity_poly.pdbx_strand_id   A
#
loop_
_chem_comp.id
_chem_comp.type
_chem_comp.name
_chem_comp.formula
A1L1W non-polymer '(2~{S})-2-[7-(cycloheptylcarbamoyl)-4',5-dimethyl-spiro[1,2-dihydroindene-3,1'-cyclohexane]-4-yl]-2-[(2-methylpropan-2-yl)oxy]ethanoic acid' 'C30 H45 N O4'
PG4 non-polymer 'TETRAETHYLENE GLYCOL' 'C8 H18 O5'
SO4 non-polymer 'SULFATE ION' 'O4 S -2'
#
# COMPACT_ATOMS: atom_id res chain seq x y z
N CAF A 10 -10.24 -3.44 12.85
CA CAF A 10 -10.08 -4.10 11.56
CB CAF A 10 -9.48 -3.14 10.53
C CAF A 10 -9.20 -5.31 11.67
O CAF A 10 -8.27 -5.34 12.52
SG CAF A 10 -10.51 -1.72 10.29
AS CAF A 10 -11.84 -2.18 8.58
CE1 CAF A 10 -10.81 -3.03 7.13
CE2 CAF A 10 -12.65 -0.54 7.86
O1 CAF A 10 -13.07 -3.31 9.09
N SER A 11 -9.45 -6.31 10.83
CA SER A 11 -8.65 -7.53 10.83
C SER A 11 -7.20 -7.24 10.42
N PRO A 12 -6.26 -8.04 10.95
CA PRO A 12 -4.83 -7.76 10.69
C PRO A 12 -4.35 -8.13 9.30
N GLY A 13 -5.14 -8.83 8.49
CA GLY A 13 -4.73 -9.21 7.16
C GLY A 13 -5.32 -8.39 6.02
N ILE A 14 -5.97 -7.26 6.32
CA ILE A 14 -6.63 -6.44 5.31
C ILE A 14 -5.69 -5.33 4.88
N TRP A 15 -5.49 -5.21 3.57
CA TRP A 15 -4.68 -4.15 2.98
C TRP A 15 -5.49 -3.45 1.91
N GLN A 16 -5.25 -2.16 1.74
CA GLN A 16 -5.88 -1.37 0.68
C GLN A 16 -4.83 -0.89 -0.30
N LEU A 17 -5.09 -1.06 -1.60
CA LEU A 17 -4.18 -0.68 -2.66
C LEU A 17 -4.85 0.32 -3.58
N ASP A 18 -4.13 1.37 -3.94
CA ASP A 18 -4.63 2.42 -4.81
C ASP A 18 -3.46 3.06 -5.53
N CAF A 19 -3.72 3.65 -6.69
CA CAF A 19 -2.70 4.41 -7.41
CB CAF A 19 -2.57 3.96 -8.87
C CAF A 19 -3.02 5.86 -7.35
O CAF A 19 -4.21 6.24 -7.42
SG CAF A 19 -1.86 2.34 -8.98
AS CAF A 19 -3.66 1.12 -9.28
CE1 CAF A 19 -3.52 0.06 -10.93
CE2 CAF A 19 -3.77 -0.16 -7.80
O1 CAF A 19 -5.07 2.14 -9.26
N THR A 20 -2.01 6.71 -7.23
CA THR A 20 -2.19 8.15 -7.34
C THR A 20 -1.15 8.70 -8.30
N HIS A 21 -1.28 9.97 -8.70
CA HIS A 21 -0.45 10.54 -9.75
C HIS A 21 0.26 11.78 -9.23
N LEU A 22 1.52 11.93 -9.65
CA LEU A 22 2.32 13.09 -9.26
C LEU A 22 3.43 13.25 -10.28
N GLU A 23 3.64 14.47 -10.75
CA GLU A 23 4.70 14.79 -11.71
C GLU A 23 4.61 13.93 -12.96
N GLY A 24 3.40 13.56 -13.35
CA GLY A 24 3.21 12.73 -14.53
C GLY A 24 3.58 11.28 -14.35
N LYS A 25 3.87 10.85 -13.12
CA LYS A 25 4.20 9.46 -12.84
C LYS A 25 3.12 8.83 -11.97
N VAL A 26 3.19 7.51 -11.83
CA VAL A 26 2.19 6.74 -11.10
C VAL A 26 2.82 6.22 -9.81
N ILE A 27 2.12 6.39 -8.69
CA ILE A 27 2.57 5.92 -7.39
C ILE A 27 1.56 4.91 -6.89
N LEU A 28 2.00 3.68 -6.67
CA LEU A 28 1.15 2.65 -6.09
C LEU A 28 1.30 2.67 -4.58
N VAL A 29 0.17 2.79 -3.87
CA VAL A 29 0.17 2.97 -2.42
C VAL A 29 -0.65 1.84 -1.80
N ALA A 30 -0.03 1.10 -0.88
CA ALA A 30 -0.71 0.06 -0.11
C ALA A 30 -0.73 0.46 1.36
N VAL A 31 -1.88 0.30 2.00
CA VAL A 31 -2.08 0.69 3.39
C VAL A 31 -2.54 -0.53 4.18
N HIS A 32 -1.86 -0.80 5.29
CA HIS A 32 -2.33 -1.80 6.25
C HIS A 32 -3.40 -1.12 7.10
N VAL A 33 -4.66 -1.46 6.82
CA VAL A 33 -5.76 -0.65 7.32
C VAL A 33 -5.74 -0.57 8.84
N ALA A 34 -5.34 -1.65 9.51
CA ALA A 34 -5.48 -1.70 10.97
C ALA A 34 -4.44 -0.85 11.67
N SER A 35 -3.32 -0.55 11.02
CA SER A 35 -2.20 0.15 11.66
C SER A 35 -1.85 1.48 11.02
N GLY A 36 -2.22 1.72 9.77
CA GLY A 36 -1.80 2.90 9.05
C GLY A 36 -0.45 2.77 8.37
N TYR A 37 0.20 1.63 8.51
CA TYR A 37 1.47 1.36 7.86
C TYR A 37 1.30 1.37 6.34
N ILE A 38 2.32 1.89 5.65
CA ILE A 38 2.24 2.11 4.21
C ILE A 38 3.46 1.51 3.52
N GLU A 39 3.23 0.96 2.32
CA GLU A 39 4.27 0.69 1.35
C GLU A 39 3.88 1.36 0.04
N ALA A 40 4.85 1.98 -0.62
CA ALA A 40 4.54 2.73 -1.84
C ALA A 40 5.72 2.70 -2.78
N GLU A 41 5.43 2.79 -4.07
CA GLU A 41 6.45 2.72 -5.10
C GLU A 41 5.96 3.43 -6.35
N VAL A 42 6.87 4.17 -6.99
CA VAL A 42 6.61 4.66 -8.34
C VAL A 42 6.63 3.47 -9.30
N ILE A 43 5.63 3.40 -10.17
CA ILE A 43 5.60 2.38 -11.22
C ILE A 43 5.50 3.07 -12.57
N PRO A 44 6.06 2.49 -13.64
CA PRO A 44 6.05 3.19 -14.93
C PRO A 44 4.66 3.34 -15.52
N ALA A 45 3.83 2.31 -15.42
CA ALA A 45 2.51 2.31 -16.01
C ALA A 45 1.51 1.74 -15.02
N GLU A 46 0.28 2.24 -15.10
CA GLU A 46 -0.83 1.80 -14.26
C GLU A 46 -1.46 0.58 -14.95
N THR A 47 -0.82 -0.58 -14.75
CA THR A 47 -1.18 -1.78 -15.49
C THR A 47 -1.40 -2.96 -14.54
N GLY A 48 -2.13 -3.95 -15.04
CA GLY A 48 -2.34 -5.16 -14.26
C GLY A 48 -1.05 -5.90 -13.95
N GLN A 49 -0.06 -5.81 -14.84
CA GLN A 49 1.20 -6.51 -14.58
C GLN A 49 1.96 -5.86 -13.42
N GLU A 50 1.98 -4.53 -13.37
CA GLU A 50 2.64 -3.86 -12.25
C GLU A 50 1.91 -4.16 -10.95
N THR A 51 0.57 -4.13 -10.98
CA THR A 51 -0.22 -4.42 -9.80
C THR A 51 0.06 -5.85 -9.32
N ALA A 52 0.04 -6.80 -10.24
CA ALA A 52 0.25 -8.19 -9.86
C ALA A 52 1.61 -8.39 -9.22
N TYR A 53 2.65 -7.82 -9.83
CA TYR A 53 4.00 -7.96 -9.29
C TYR A 53 4.09 -7.34 -7.91
N PHE A 54 3.45 -6.19 -7.72
CA PHE A 54 3.48 -5.52 -6.43
C PHE A 54 2.79 -6.35 -5.36
N LEU A 55 1.67 -6.99 -5.71
CA LEU A 55 0.94 -7.82 -4.75
C LEU A 55 1.75 -9.04 -4.34
N LEU A 56 2.47 -9.64 -5.29
CA LEU A 56 3.31 -10.78 -4.97
CA LEU A 56 3.31 -10.78 -4.97
C LEU A 56 4.42 -10.40 -4.01
N LYS A 57 5.03 -9.22 -4.20
CA LYS A 57 6.08 -8.78 -3.29
C LYS A 57 5.50 -8.57 -1.89
N LEU A 58 4.39 -7.85 -1.83
CA LEU A 58 3.76 -7.54 -0.55
C LEU A 58 3.40 -8.81 0.19
N ALA A 59 2.80 -9.77 -0.51
CA ALA A 59 2.31 -10.98 0.16
C ALA A 59 3.46 -11.84 0.67
N GLY A 60 4.64 -11.73 0.08
CA GLY A 60 5.77 -12.49 0.56
C GLY A 60 6.42 -11.91 1.80
N ARG A 61 6.06 -10.67 2.11
CA ARG A 61 6.64 -9.96 3.24
C ARG A 61 5.70 -9.86 4.43
N TRP A 62 4.39 -9.80 4.19
CA TRP A 62 3.37 -9.69 5.22
C TRP A 62 2.29 -10.74 4.99
N PRO A 63 1.54 -11.11 6.03
CA PRO A 63 0.45 -12.07 5.84
C PRO A 63 -0.81 -11.42 5.28
N VAL A 64 -0.89 -11.29 3.95
CA VAL A 64 -1.98 -10.61 3.27
C VAL A 64 -3.12 -11.59 3.04
N LYS A 65 -4.27 -11.33 3.65
CA LYS A 65 -5.44 -12.18 3.49
C LYS A 65 -6.47 -11.60 2.54
N THR A 66 -6.80 -10.33 2.68
CA THR A 66 -7.74 -9.67 1.79
C THR A 66 -7.22 -8.31 1.37
N VAL A 67 -7.63 -7.89 0.18
CA VAL A 67 -7.20 -6.64 -0.42
C VAL A 67 -8.43 -5.85 -0.83
N HIS A 68 -8.43 -4.56 -0.50
CA HIS A 68 -9.48 -3.63 -0.91
C HIS A 68 -8.87 -2.55 -1.81
N THR A 69 -9.74 -1.79 -2.47
CA THR A 69 -9.31 -0.71 -3.33
C THR A 69 -10.49 0.24 -3.53
N ASP A 70 -10.18 1.48 -3.91
CA ASP A 70 -11.23 2.45 -4.26
C ASP A 70 -11.59 2.44 -5.74
N ASN A 71 -10.86 1.69 -6.55
CA ASN A 71 -11.17 1.53 -7.98
C ASN A 71 -11.20 0.03 -8.28
N GLY A 72 -12.39 -0.55 -8.24
CA GLY A 72 -12.51 -1.99 -8.39
C GLY A 72 -12.02 -2.51 -9.72
N SER A 73 -12.09 -1.68 -10.77
CA SER A 73 -11.58 -2.11 -12.06
C SER A 73 -10.08 -2.41 -12.03
N ASN A 74 -9.38 -1.99 -10.97
CA ASN A 74 -7.96 -2.31 -10.86
C ASN A 74 -7.69 -3.80 -10.86
N PHE A 75 -8.67 -4.61 -10.44
CA PHE A 75 -8.43 -6.02 -10.16
C PHE A 75 -9.08 -6.93 -11.19
N THR A 76 -9.41 -6.41 -12.38
CA THR A 76 -10.08 -7.20 -13.39
C THR A 76 -9.14 -7.98 -14.30
N SER A 77 -7.86 -7.63 -14.36
CA SER A 77 -6.97 -8.30 -15.30
C SER A 77 -6.73 -9.73 -14.86
N THR A 78 -6.63 -10.63 -15.85
CA THR A 78 -6.30 -12.01 -15.54
C THR A 78 -4.96 -12.12 -14.82
N THR A 79 -4.03 -11.21 -15.13
CA THR A 79 -2.73 -11.21 -14.48
C THR A 79 -2.86 -10.98 -12.97
N VAL A 80 -3.60 -9.95 -12.56
CA VAL A 80 -3.82 -9.72 -11.14
C VAL A 80 -4.52 -10.92 -10.50
N LYS A 81 -5.56 -11.44 -11.17
CA LYS A 81 -6.29 -12.57 -10.60
C LYS A 81 -5.38 -13.76 -10.37
N ALA A 82 -4.45 -14.00 -11.28
CA ALA A 82 -3.53 -15.13 -11.12
C ALA A 82 -2.61 -14.92 -9.93
N ALA A 83 -2.19 -13.68 -9.69
CA ALA A 83 -1.32 -13.38 -8.58
C ALA A 83 -2.06 -13.58 -7.25
N CAF A 84 -3.30 -13.10 -7.17
CA CAF A 84 -4.08 -13.26 -5.95
CB CAF A 84 -5.39 -12.50 -6.09
C CAF A 84 -4.30 -14.73 -5.73
O CAF A 84 -4.19 -15.22 -4.58
SG CAF A 84 -5.08 -10.77 -5.89
AS CAF A 84 -7.14 -10.00 -5.77
CE1 CAF A 84 -8.14 -10.92 -4.37
CE2 CAF A 84 -7.02 -8.09 -5.36
O1 CAF A 84 -7.85 -10.30 -7.33
N TRP A 85 -4.57 -15.48 -6.80
CA TRP A 85 -4.79 -16.91 -6.70
C TRP A 85 -3.57 -17.61 -6.09
N TRP A 86 -2.39 -17.33 -6.65
CA TRP A 86 -1.18 -18.04 -6.20
C TRP A 86 -0.86 -17.72 -4.75
N ALA A 87 -0.99 -16.46 -4.34
CA ALA A 87 -0.64 -16.07 -2.99
C ALA A 87 -1.78 -16.28 -1.99
N GLY A 88 -2.92 -16.78 -2.44
CA GLY A 88 -4.06 -17.01 -1.57
C GLY A 88 -4.77 -15.76 -1.06
N ILE A 89 -4.84 -14.71 -1.87
CA ILE A 89 -5.45 -13.44 -1.49
C ILE A 89 -6.87 -13.39 -1.99
N LYS A 90 -7.80 -13.01 -1.13
CA LYS A 90 -9.19 -12.80 -1.51
C LYS A 90 -9.49 -11.30 -1.54
N GLN A 91 -10.59 -10.97 -2.21
CA GLN A 91 -11.01 -9.58 -2.27
C GLN A 91 -11.79 -9.24 -1.01
N GLU A 92 -11.54 -8.05 -0.47
CA GLU A 92 -12.23 -7.61 0.73
C GLU A 92 -13.62 -7.09 0.37
N PHE A 93 -14.61 -7.47 1.19
CA PHE A 93 -15.99 -7.04 0.99
C PHE A 93 -16.59 -6.32 2.19
N GLY A 94 -15.86 -6.22 3.30
CA GLY A 94 -16.34 -5.59 4.51
C GLY A 94 -16.05 -4.12 4.65
N ILE A 95 -15.60 -3.46 3.58
CA ILE A 95 -15.32 -2.04 3.58
C ILE A 95 -16.22 -1.38 2.53
N PRO A 96 -17.37 -0.84 2.93
CA PRO A 96 -18.24 -0.16 1.97
C PRO A 96 -17.55 1.06 1.36
N TYR A 97 -17.93 1.37 0.13
CA TYR A 97 -17.40 2.54 -0.58
C TYR A 97 -18.34 3.71 -0.35
N ASN A 98 -17.80 4.81 0.20
CA ASN A 98 -18.59 6.00 0.52
C ASN A 98 -17.87 7.24 0.00
N PRO A 99 -18.23 7.72 -1.21
CA PRO A 99 -17.65 8.97 -1.74
C PRO A 99 -18.36 10.22 -1.21
N SER A 107 -7.29 9.42 1.52
CA SER A 107 -6.98 10.11 2.78
C SER A 107 -5.48 10.23 2.98
N MET A 108 -4.83 9.09 3.22
CA MET A 108 -3.38 9.09 3.39
C MET A 108 -2.66 9.36 2.08
N ASN A 109 -3.30 9.11 0.95
CA ASN A 109 -2.67 9.50 -0.32
C ASN A 109 -2.38 10.99 -0.33
N LYS A 110 -3.26 11.80 0.25
CA LYS A 110 -2.98 13.23 0.34
C LYS A 110 -1.92 13.50 1.40
N GLU A 111 -2.05 12.88 2.58
CA GLU A 111 -1.03 13.03 3.62
C GLU A 111 0.34 12.55 3.13
N LEU A 112 0.37 11.54 2.27
CA LEU A 112 1.64 11.07 1.73
C LEU A 112 2.21 12.05 0.71
N LYS A 113 1.33 12.65 -0.11
CA LYS A 113 1.78 13.71 -1.00
C LYS A 113 2.30 14.91 -0.23
N LYS A 114 1.76 15.16 0.96
CA LYS A 114 2.28 16.24 1.80
C LYS A 114 3.74 15.98 2.17
N ILE A 115 4.05 14.77 2.63
CA ILE A 115 5.42 14.46 3.02
C ILE A 115 6.35 14.51 1.82
N ILE A 116 5.92 13.95 0.68
CA ILE A 116 6.74 13.99 -0.53
C ILE A 116 7.14 15.42 -0.85
N GLY A 117 6.18 16.34 -0.87
CA GLY A 117 6.50 17.72 -1.15
C GLY A 117 7.49 18.31 -0.15
N GLN A 118 7.42 17.87 1.11
CA GLN A 118 8.31 18.41 2.13
C GLN A 118 9.76 18.02 1.86
N VAL A 119 9.98 16.82 1.30
CA VAL A 119 11.33 16.30 1.09
C VAL A 119 11.72 16.29 -0.38
N ARG A 120 10.86 16.76 -1.27
CA ARG A 120 11.10 16.57 -2.69
C ARG A 120 12.42 17.17 -3.13
N ASP A 121 12.79 18.34 -2.58
CA ASP A 121 14.01 19.02 -3.00
C ASP A 121 15.27 18.31 -2.53
N GLN A 122 15.16 17.30 -1.67
CA GLN A 122 16.33 16.59 -1.17
C GLN A 122 16.76 15.46 -2.09
N ALA A 123 15.97 15.13 -3.11
CA ALA A 123 16.30 14.04 -4.01
C ALA A 123 16.06 14.46 -5.45
N GLU A 124 16.82 13.86 -6.36
CA GLU A 124 16.66 14.13 -7.78
C GLU A 124 15.41 13.45 -8.32
N HIS A 125 15.22 12.17 -7.99
CA HIS A 125 14.16 11.36 -8.59
C HIS A 125 12.96 11.28 -7.66
N LEU A 126 11.76 11.34 -8.26
CA LEU A 126 10.54 11.21 -7.47
C LEU A 126 10.53 9.90 -6.68
N LYS A 127 10.95 8.81 -7.31
CA LYS A 127 10.90 7.52 -6.63
C LYS A 127 11.70 7.54 -5.34
N THR A 128 12.82 8.30 -5.31
CA THR A 128 13.57 8.45 -4.06
C THR A 128 12.75 9.20 -3.02
N ALA A 129 12.15 10.33 -3.41
CA ALA A 129 11.36 11.10 -2.45
C ALA A 129 10.22 10.28 -1.89
N VAL A 130 9.62 9.42 -2.71
CA VAL A 130 8.53 8.58 -2.23
C VAL A 130 9.02 7.69 -1.10
N GLN A 131 10.16 7.02 -1.27
CA GLN A 131 10.65 6.14 -0.23
C GLN A 131 11.05 6.92 1.01
N MET A 132 11.60 8.12 0.84
CA MET A 132 11.87 8.98 1.98
C MET A 132 10.56 9.28 2.73
N ALA A 133 9.48 9.53 1.98
CA ALA A 133 8.21 9.84 2.62
C ALA A 133 7.62 8.63 3.33
N VAL A 134 7.77 7.44 2.73
CA VAL A 134 7.30 6.22 3.39
C VAL A 134 8.03 6.05 4.71
N PHE A 135 9.34 6.24 4.69
CA PHE A 135 10.15 6.16 5.91
C PHE A 135 9.62 7.10 6.97
N ILE A 136 9.45 8.37 6.62
CA ILE A 136 8.99 9.37 7.59
C ILE A 136 7.65 8.95 8.15
N HIS A 137 6.71 8.60 7.28
CA HIS A 137 5.36 8.25 7.71
C HIS A 137 5.35 7.08 8.68
N ASN A 138 6.07 6.01 8.34
CA ASN A 138 6.01 4.79 9.14
C ASN A 138 6.72 4.92 10.48
N HIS A 139 7.64 5.87 10.62
CA HIS A 139 8.38 6.03 11.87
C HIS A 139 7.94 7.24 12.68
N LYS A 140 6.97 8.01 12.20
CA LYS A 140 6.50 9.18 12.92
C LYS A 140 5.64 8.78 14.11
N ARG A 141 5.84 9.46 15.24
CA ARG A 141 5.13 9.15 16.48
C ARG A 141 3.74 9.76 16.46
N LYS A 142 2.72 8.90 16.50
CA LYS A 142 1.33 9.34 16.57
C LYS A 142 0.66 8.75 17.80
N GLY A 147 1.31 5.84 22.03
CA GLY A 147 2.12 6.74 21.24
C GLY A 147 3.16 6.03 20.39
N TYR A 148 2.73 5.01 19.68
CA TYR A 148 3.62 4.22 18.82
C TYR A 148 3.56 4.75 17.39
N SER A 149 4.52 4.30 16.57
CA SER A 149 4.50 4.62 15.15
C SER A 149 3.77 3.52 14.38
N ALA A 150 3.49 3.82 13.11
CA ALA A 150 2.80 2.82 12.28
C ALA A 150 3.62 1.54 12.17
N GLY A 151 4.93 1.67 11.97
CA GLY A 151 5.77 0.49 11.87
C GLY A 151 5.76 -0.33 13.14
N GLU A 152 5.68 0.33 14.31
CA GLU A 152 5.60 -0.41 15.55
C GLU A 152 4.24 -1.09 15.71
N ARG A 153 3.18 -0.43 15.23
CA ARG A 153 1.83 -0.98 15.44
C ARG A 153 1.58 -2.20 14.57
N ILE A 154 2.08 -2.20 13.33
CA ILE A 154 1.81 -3.33 12.45
C ILE A 154 2.45 -4.60 13.01
N VAL A 155 3.69 -4.51 13.47
CA VAL A 155 4.37 -5.71 13.97
C VAL A 155 3.70 -6.23 15.23
N ASP A 156 3.22 -5.32 16.10
CA ASP A 156 2.55 -5.78 17.32
C ASP A 156 1.17 -6.34 17.02
N ILE A 157 0.48 -5.80 16.02
CA ILE A 157 -0.81 -6.35 15.62
C ILE A 157 -0.63 -7.75 15.04
N ILE A 158 0.32 -7.90 14.13
CA ILE A 158 0.53 -9.19 13.49
C ILE A 158 1.11 -10.19 14.48
N ALA A 159 2.04 -9.74 15.34
CA ALA A 159 2.60 -10.63 16.34
C ALA A 159 1.52 -11.11 17.31
N THR A 160 0.70 -10.18 17.78
CA THR A 160 -0.39 -10.56 18.67
C THR A 160 -1.35 -11.52 18.00
N ASP A 161 -1.56 -11.34 16.69
CA ASP A 161 -2.48 -12.21 15.96
C ASP A 161 -1.94 -13.63 15.84
N ILE A 162 -0.61 -13.78 15.78
CA ILE A 162 -0.03 -15.12 15.69
C ILE A 162 -0.41 -15.95 16.92
N GLN A 163 -0.40 -15.34 18.10
CA GLN A 163 -0.70 -16.05 19.33
C GLN A 163 -2.20 -16.29 19.48
O1 PG4 B . 15.41 6.67 -12.89
C1 PG4 B . 16.36 7.49 -12.23
C2 PG4 B . 17.71 6.82 -12.14
O2 PG4 B . 17.56 5.47 -11.73
C3 PG4 B . 18.78 4.88 -11.30
C4 PG4 B . 18.69 4.54 -9.85
O3 PG4 B . 18.01 3.30 -9.69
C5 PG4 B . 17.20 3.35 -8.52
C6 PG4 B . 16.32 2.15 -8.52
O4 PG4 B . 15.19 2.40 -9.34
C7 PG4 B . 14.40 1.21 -9.36
C8 PG4 B . 13.05 1.51 -8.81
O5 PG4 B . 12.23 2.05 -9.84
C4 A1L1W C . 1.32 -14.31 -11.29
C5 A1L1W C . 1.52 -13.59 -12.63
C6 A1L1W C . 0.69 -13.10 -17.15
C7 A1L1W C . 1.77 -12.32 -17.59
C8 A1L1W C . 2.96 -12.20 -16.83
C10 A1L1W C . 0.81 -13.77 -15.91
C13 A1L1W C . -0.23 -14.64 -15.27
C15 A1L1W C . 4.39 -12.72 -14.77
C17 A1L1W C . 4.24 -10.40 -13.80
C20 A1L1W C . 4.98 -9.11 -14.16
C21 A1L1W C . -0.55 -13.15 -17.99
C22 A1L1W C . 2.16 -16.08 -9.72
C24 A1L1W C . -3.16 -15.29 -18.13
C26 A1L1W C . -1.82 -15.44 -20.39
C28 A1L1W C . -2.99 -16.10 -21.13
N A1L1W C . -0.95 -14.36 -18.40
C A1L1W C . 1.82 -14.53 -13.84
O A1L1W C . 4.85 -11.36 -14.68
C1 A1L1W C . 2.95 -15.51 -13.49
C11 A1L1W C . 1.99 -13.68 -15.13
C12 A1L1W C . 0.55 -15.37 -14.18
C14 A1L1W C . 4.04 -11.31 -17.44
C16 A1L1W C . 5.51 -13.64 -15.32
C18 A1L1W C . 2.75 -10.17 -14.09
C19 A1L1W C . 4.49 -10.70 -12.32
C2 A1L1W C . 2.67 -16.26 -12.18
C23 A1L1W C . -2.18 -14.63 -19.13
C25 A1L1W C . -4.57 -15.54 -18.70
C27 A1L1W C . -4.73 -16.90 -19.39
C29 A1L1W C . -3.59 -17.28 -20.35
C3 A1L1W C . 2.46 -15.31 -11.00
C9 A1L1W C . 3.09 -12.88 -15.58
O1 A1L1W C . 5.19 -14.63 -16.03
O2 A1L1W C . 6.68 -13.32 -15.05
O3 A1L1W C . -1.18 -12.13 -18.27
S SO4 D . 12.64 11.65 -12.12
O1 SO4 D . 12.07 11.84 -13.45
O2 SO4 D . 11.70 12.13 -11.12
O3 SO4 D . 12.92 10.23 -11.93
O4 SO4 D . 13.89 12.41 -12.01
S SO4 E . -5.07 11.14 -8.22
O1 SO4 E . -6.05 12.19 -8.46
O2 SO4 E . -3.72 11.70 -8.34
O3 SO4 E . -5.26 10.60 -6.87
O4 SO4 E . -5.24 10.06 -9.19
#